data_4PF5
#
_entry.id   4PF5
#
_cell.length_a   125.901
_cell.length_b   125.901
_cell.length_c   181.972
_cell.angle_alpha   90.000
_cell.angle_beta   90.000
_cell.angle_gamma   120.000
#
_symmetry.space_group_name_H-M   'H 3 2'
#
loop_
_entity.id
_entity.type
_entity.pdbx_description
1 polymer Concanavalin-A
2 non-polymer 'MANGANESE (II) ION'
3 non-polymer 4-(hydroxymethyl)-1-(alpha-D-mannopyranosyl)-1H-1,2,3-triazole
4 non-polymer 1,2-ETHANEDIOL
5 water water
#
_entity_poly.entity_id   1
_entity_poly.type   'polypeptide(L)'
_entity_poly.pdbx_seq_one_letter_code
;ADTIVAVELDTYPNTDIGDPSYPHIGIDIKSVRSKKTAKWNMQNGKVGTAHIIYNSVDKRLSAVVSYPNADSATVSYDVD
LDNVLPEWVRVGLSASTGLYKETNTILSWSFTSKLKSNSTHETNALHFMFNQFSKDQKDLILQGDATTGTDGNLELTRVS
SNGSPQGSSVGRALFYAPVHIWESSAVVASFEATFTFLIKSPDSHPADGIAFFISNIDSSIPSGSTGRLLGLFPDAN
;
_entity_poly.pdbx_strand_id   A,B
#
loop_
_chem_comp.id
_chem_comp.type
_chem_comp.name
_chem_comp.formula
EDO non-polymer 1,2-ETHANEDIOL 'C2 H6 O2'
M3N D-saccharide 4-(hydroxymethyl)-1-(alpha-D-mannopyranosyl)-1H-1,2,3-triazole 'C9 H15 N3 O6'
MN non-polymer 'MANGANESE (II) ION' 'Mn 2'
#
# COMPACT_ATOMS: atom_id res chain seq x y z
N ALA A 1 -10.82 -22.20 -6.92
CA ALA A 1 -10.65 -21.39 -8.12
C ALA A 1 -9.73 -20.19 -7.84
N ASP A 2 -9.50 -19.89 -6.56
CA ASP A 2 -8.43 -18.96 -6.22
C ASP A 2 -7.08 -19.57 -6.66
N THR A 3 -6.08 -18.72 -6.85
CA THR A 3 -4.72 -19.20 -7.07
C THR A 3 -3.86 -18.82 -5.88
N ILE A 4 -3.27 -19.83 -5.23
CA ILE A 4 -2.53 -19.60 -3.99
C ILE A 4 -1.10 -20.06 -4.04
N VAL A 5 -0.19 -19.18 -3.62
CA VAL A 5 1.16 -19.56 -3.21
C VAL A 5 1.29 -19.21 -1.74
N ALA A 6 1.70 -20.17 -0.92
CA ALA A 6 1.81 -19.90 0.50
C ALA A 6 3.04 -20.51 1.17
N VAL A 7 3.45 -19.90 2.27
CA VAL A 7 4.37 -20.53 3.21
C VAL A 7 3.55 -20.89 4.44
N GLU A 8 3.44 -22.20 4.76
CA GLU A 8 2.62 -22.63 5.89
C GLU A 8 3.49 -22.94 7.08
N LEU A 9 2.97 -22.58 8.25
CA LEU A 9 3.53 -22.97 9.53
C LEU A 9 2.51 -23.96 10.08
N ASP A 10 2.73 -25.23 9.80
CA ASP A 10 1.69 -26.23 9.99
C ASP A 10 1.89 -26.93 11.33
N THR A 11 0.97 -26.70 12.25
CA THR A 11 1.17 -27.23 13.60
C THR A 11 0.57 -28.61 13.82
N TYR A 12 -0.31 -29.05 12.92
CA TYR A 12 -1.00 -30.33 13.12
C TYR A 12 -0.80 -31.32 12.00
N PRO A 13 -0.17 -32.46 12.29
CA PRO A 13 0.09 -33.42 11.21
C PRO A 13 -1.17 -34.11 10.68
N ASN A 14 -1.47 -33.84 9.42
CA ASN A 14 -2.57 -34.50 8.71
C ASN A 14 -1.98 -35.48 7.72
N THR A 15 -1.55 -36.63 8.21
CA THR A 15 -0.81 -37.56 7.38
C THR A 15 -1.68 -38.15 6.27
N ASP A 16 -2.99 -38.21 6.50
CA ASP A 16 -3.92 -38.71 5.47
C ASP A 16 -3.87 -37.90 4.18
N ILE A 17 -3.48 -36.63 4.26
CA ILE A 17 -3.32 -35.82 3.04
C ILE A 17 -1.87 -35.40 2.77
N GLY A 18 -0.92 -36.21 3.21
CA GLY A 18 0.47 -35.97 2.82
C GLY A 18 1.31 -35.10 3.73
N ASP A 19 0.79 -34.66 4.87
CA ASP A 19 1.66 -34.02 5.86
C ASP A 19 2.70 -35.01 6.33
N PRO A 20 3.92 -34.53 6.65
CA PRO A 20 4.79 -35.33 7.52
C PRO A 20 4.13 -35.51 8.89
N SER A 21 4.71 -36.38 9.71
CA SER A 21 4.09 -36.78 10.98
C SER A 21 4.49 -35.87 12.13
N TYR A 22 5.07 -34.72 11.82
CA TYR A 22 5.52 -33.79 12.84
C TYR A 22 5.15 -32.35 12.39
N PRO A 23 5.08 -31.40 13.34
CA PRO A 23 4.93 -29.99 12.95
C PRO A 23 6.02 -29.58 11.97
N HIS A 24 5.68 -28.74 11.01
CA HIS A 24 6.60 -28.47 9.92
C HIS A 24 6.32 -27.12 9.27
N ILE A 25 7.30 -26.60 8.55
CA ILE A 25 7.03 -25.49 7.66
C ILE A 25 7.05 -26.04 6.25
N GLY A 26 6.27 -25.42 5.37
CA GLY A 26 6.15 -25.91 4.01
C GLY A 26 5.92 -24.80 3.00
N ILE A 27 6.28 -25.09 1.75
CA ILE A 27 6.03 -24.18 0.65
C ILE A 27 4.91 -24.80 -0.18
N ASP A 28 3.79 -24.08 -0.28
CA ASP A 28 2.62 -24.60 -0.98
C ASP A 28 2.41 -23.87 -2.29
N ILE A 29 2.46 -24.59 -3.40
CA ILE A 29 2.21 -24.00 -4.72
C ILE A 29 0.89 -24.57 -5.26
N LYS A 30 -0.19 -23.80 -5.11
CA LYS A 30 -1.51 -24.15 -5.65
C LYS A 30 -2.06 -25.47 -5.08
N SER A 31 -1.56 -25.86 -3.92
CA SER A 31 -2.01 -27.10 -3.28
C SER A 31 -1.59 -27.08 -1.82
N VAL A 32 -2.45 -27.59 -0.92
CA VAL A 32 -2.11 -27.73 0.50
C VAL A 32 -1.02 -28.81 0.73
N ARG A 33 -0.83 -29.66 -0.28
CA ARG A 33 0.22 -30.67 -0.20
C ARG A 33 1.54 -30.02 -0.63
N SER A 34 2.30 -29.58 0.36
CA SER A 34 3.51 -28.76 0.19
C SER A 34 4.46 -29.42 -0.77
N LYS A 35 5.13 -28.60 -1.58
CA LYS A 35 6.13 -29.08 -2.53
C LYS A 35 7.39 -29.40 -1.78
N LYS A 36 7.55 -28.77 -0.61
CA LYS A 36 8.74 -28.97 0.19
C LYS A 36 8.42 -28.63 1.63
N THR A 37 8.98 -29.40 2.57
CA THR A 37 8.75 -29.19 3.99
C THR A 37 10.06 -29.31 4.76
N ALA A 38 10.04 -28.82 5.98
CA ALA A 38 11.13 -29.02 6.94
C ALA A 38 10.51 -29.13 8.31
N LYS A 39 11.09 -30.00 9.16
CA LYS A 39 10.61 -30.17 10.52
C LYS A 39 10.68 -28.87 11.33
N TRP A 40 9.64 -28.63 12.09
CA TRP A 40 9.54 -27.41 12.88
C TRP A 40 9.39 -27.76 14.34
N ASN A 41 10.35 -27.33 15.16
CA ASN A 41 10.31 -27.57 16.59
C ASN A 41 9.59 -26.42 17.28
N MET A 42 8.29 -26.57 17.35
CA MET A 42 7.41 -25.51 17.79
C MET A 42 7.53 -25.32 19.30
N GLN A 43 7.43 -24.07 19.73
CA GLN A 43 7.49 -23.76 21.16
C GLN A 43 6.19 -23.11 21.60
N ASN A 44 5.33 -23.88 22.24
CA ASN A 44 4.05 -23.37 22.71
C ASN A 44 4.23 -22.15 23.59
N GLY A 45 3.58 -21.04 23.22
CA GLY A 45 3.57 -19.86 24.07
C GLY A 45 4.77 -18.96 23.98
N LYS A 46 5.68 -19.24 23.05
CA LYS A 46 6.81 -18.34 22.79
C LYS A 46 6.60 -17.60 21.45
N VAL A 47 7.00 -16.33 21.39
CA VAL A 47 6.87 -15.54 20.18
C VAL A 47 7.88 -16.03 19.17
N GLY A 48 7.40 -16.41 17.98
CA GLY A 48 8.27 -16.85 16.91
C GLY A 48 8.34 -15.79 15.82
N THR A 49 9.31 -15.95 14.92
CA THR A 49 9.47 -15.04 13.80
C THR A 49 9.55 -15.86 12.53
N ALA A 50 8.87 -15.40 11.49
CA ALA A 50 8.91 -16.03 10.20
C ALA A 50 9.45 -15.02 9.18
N HIS A 51 10.38 -15.46 8.36
CA HIS A 51 10.95 -14.61 7.32
C HIS A 51 10.85 -15.34 5.99
N ILE A 52 10.30 -14.65 4.99
CA ILE A 52 10.01 -15.24 3.68
C ILE A 52 10.70 -14.39 2.65
N ILE A 53 11.43 -15.03 1.74
CA ILE A 53 12.14 -14.29 0.72
C ILE A 53 11.94 -14.91 -0.65
N TYR A 54 11.64 -14.05 -1.63
CA TYR A 54 11.66 -14.49 -3.02
C TYR A 54 12.67 -13.66 -3.78
N ASN A 55 13.60 -14.40 -4.32
CA ASN A 55 14.72 -13.94 -5.11
C ASN A 55 14.31 -14.06 -6.57
N SER A 56 14.07 -12.95 -7.25
CA SER A 56 13.65 -13.07 -8.64
C SER A 56 14.82 -13.32 -9.61
N VAL A 57 16.06 -13.22 -9.13
CA VAL A 57 17.19 -13.59 -9.99
C VAL A 57 17.27 -15.11 -10.12
N ASP A 58 17.17 -15.81 -9.00
CA ASP A 58 17.21 -17.27 -9.02
C ASP A 58 15.83 -17.90 -9.12
N LYS A 59 14.80 -17.09 -8.94
CA LYS A 59 13.44 -17.60 -8.85
C LYS A 59 13.36 -18.71 -7.80
N ARG A 60 13.76 -18.34 -6.58
CA ARG A 60 13.82 -19.28 -5.49
C ARG A 60 13.08 -18.71 -4.30
N LEU A 61 12.09 -19.45 -3.81
CA LEU A 61 11.33 -19.02 -2.64
C LEU A 61 11.87 -19.70 -1.41
N SER A 62 12.23 -18.92 -0.39
CA SER A 62 12.75 -19.48 0.85
C SER A 62 12.05 -18.91 2.08
N ALA A 63 12.04 -19.70 3.15
CA ALA A 63 11.39 -19.31 4.40
C ALA A 63 12.20 -19.82 5.56
N VAL A 64 12.33 -18.97 6.58
CA VAL A 64 13.00 -19.33 7.82
C VAL A 64 12.07 -19.01 8.97
N VAL A 65 11.88 -19.98 9.86
CA VAL A 65 11.09 -19.74 11.07
C VAL A 65 11.94 -20.04 12.29
N SER A 66 11.92 -19.13 13.26
CA SER A 66 12.72 -19.34 14.46
C SER A 66 12.14 -18.68 15.70
N TYR A 67 12.71 -19.05 16.85
CA TYR A 67 12.43 -18.42 18.13
C TYR A 67 13.73 -17.91 18.68
N PRO A 68 13.67 -16.90 19.56
CA PRO A 68 14.87 -16.47 20.30
C PRO A 68 15.50 -17.66 21.03
N ASN A 69 16.82 -17.79 20.97
CA ASN A 69 17.56 -18.84 21.69
C ASN A 69 17.24 -20.26 21.18
N ALA A 70 17.06 -20.42 19.89
CA ALA A 70 16.76 -21.73 19.34
C ALA A 70 17.22 -21.80 17.89
N ASP A 71 17.32 -23.01 17.33
CA ASP A 71 17.72 -23.13 15.94
C ASP A 71 16.55 -22.72 15.08
N SER A 72 16.83 -22.32 13.86
CA SER A 72 15.77 -21.98 12.95
C SER A 72 15.44 -23.22 12.09
N ALA A 73 14.24 -23.25 11.52
CA ALA A 73 13.89 -24.23 10.51
C ALA A 73 13.85 -23.48 9.18
N THR A 74 14.39 -24.08 8.11
CA THR A 74 14.49 -23.39 6.82
C THR A 74 13.98 -24.29 5.72
N VAL A 75 13.32 -23.70 4.74
CA VAL A 75 12.86 -24.46 3.58
C VAL A 75 12.97 -23.56 2.34
N SER A 76 13.41 -24.17 1.24
CA SER A 76 13.63 -23.45 -0.02
C SER A 76 13.10 -24.25 -1.19
N TYR A 77 12.65 -23.55 -2.22
CA TYR A 77 12.04 -24.23 -3.36
C TYR A 77 12.12 -23.35 -4.60
N ASP A 78 12.55 -23.95 -5.70
CA ASP A 78 12.57 -23.25 -6.99
C ASP A 78 11.18 -23.18 -7.55
N VAL A 79 10.72 -21.95 -7.81
CA VAL A 79 9.42 -21.71 -8.40
C VAL A 79 9.42 -20.36 -9.16
N ASP A 80 8.98 -20.41 -10.40
CA ASP A 80 8.85 -19.23 -11.26
C ASP A 80 7.47 -18.64 -11.02
N LEU A 81 7.37 -17.60 -10.21
CA LEU A 81 6.06 -17.07 -9.83
C LEU A 81 5.31 -16.52 -11.03
N ASP A 82 6.06 -16.12 -12.06
CA ASP A 82 5.45 -15.60 -13.29
C ASP A 82 4.67 -16.69 -14.02
N ASN A 83 4.99 -17.95 -13.71
N ASN A 83 4.95 -17.94 -13.71
CA ASN A 83 4.35 -19.11 -14.32
CA ASN A 83 4.23 -19.02 -14.35
C ASN A 83 3.31 -19.77 -13.40
C ASN A 83 3.00 -19.43 -13.53
N VAL A 84 3.07 -19.18 -12.23
CA VAL A 84 2.10 -19.72 -11.28
C VAL A 84 1.01 -18.71 -10.87
N LEU A 85 1.40 -17.45 -10.66
CA LEU A 85 0.48 -16.45 -10.13
C LEU A 85 0.02 -15.49 -11.21
N PRO A 86 -1.16 -14.86 -11.03
CA PRO A 86 -1.46 -13.79 -11.97
C PRO A 86 -0.49 -12.62 -11.77
N GLU A 87 -0.48 -11.74 -12.75
CA GLU A 87 0.37 -10.59 -12.77
C GLU A 87 0.17 -9.69 -11.54
N TRP A 88 -1.08 -9.52 -11.11
CA TRP A 88 -1.39 -8.74 -9.90
C TRP A 88 -1.92 -9.66 -8.81
N VAL A 89 -1.52 -9.40 -7.57
CA VAL A 89 -1.93 -10.24 -6.45
C VAL A 89 -2.24 -9.44 -5.20
N ARG A 90 -2.86 -10.07 -4.21
CA ARG A 90 -2.80 -9.55 -2.85
C ARG A 90 -1.94 -10.46 -1.97
N VAL A 91 -1.35 -9.91 -0.92
CA VAL A 91 -0.59 -10.70 0.04
C VAL A 91 -1.32 -10.67 1.36
N GLY A 92 -1.20 -11.75 2.12
CA GLY A 92 -1.98 -11.89 3.32
C GLY A 92 -1.44 -12.92 4.28
N LEU A 93 -2.11 -12.99 5.43
CA LEU A 93 -1.84 -13.96 6.48
C LEU A 93 -3.13 -14.70 6.72
N SER A 94 -3.02 -16.00 6.96
CA SER A 94 -4.20 -16.83 7.14
C SER A 94 -3.96 -17.76 8.33
N ALA A 95 -5.02 -18.19 8.99
CA ALA A 95 -4.87 -19.23 10.01
C ALA A 95 -6.18 -19.98 10.22
N SER A 96 -6.09 -21.17 10.81
CA SER A 96 -7.30 -21.90 11.14
C SER A 96 -7.10 -22.82 12.35
N THR A 97 -8.24 -23.23 12.89
CA THR A 97 -8.37 -24.30 13.88
C THR A 97 -9.37 -25.31 13.34
N GLY A 98 -9.41 -26.50 13.94
CA GLY A 98 -10.34 -27.53 13.51
C GLY A 98 -10.91 -28.19 14.75
N LEU A 99 -10.73 -29.51 14.86
CA LEU A 99 -11.13 -30.19 16.10
C LEU A 99 -10.20 -29.75 17.21
N TYR A 100 -8.91 -29.66 16.92
CA TYR A 100 -7.98 -29.08 17.88
C TYR A 100 -7.76 -27.60 17.56
N LYS A 101 -7.10 -26.88 18.45
CA LYS A 101 -7.10 -25.43 18.37
C LYS A 101 -5.86 -24.80 18.95
N GLU A 102 -5.74 -23.48 18.78
CA GLU A 102 -4.57 -22.72 19.17
C GLU A 102 -4.87 -21.25 18.93
N THR A 103 -4.24 -20.36 19.71
CA THR A 103 -4.29 -18.94 19.36
C THR A 103 -3.43 -18.74 18.10
N ASN A 104 -3.86 -17.85 17.22
CA ASN A 104 -3.09 -17.55 16.01
C ASN A 104 -2.85 -16.07 15.93
N THR A 105 -2.01 -15.60 16.85
CA THR A 105 -1.79 -14.18 17.10
C THR A 105 -0.61 -13.64 16.32
N ILE A 106 -0.82 -12.55 15.60
CA ILE A 106 0.22 -11.86 14.85
C ILE A 106 0.60 -10.57 15.60
N LEU A 107 1.87 -10.44 15.97
CA LEU A 107 2.30 -9.25 16.72
C LEU A 107 2.88 -8.17 15.81
N SER A 108 3.31 -8.57 14.62
CA SER A 108 3.87 -7.64 13.66
C SER A 108 3.96 -8.30 12.29
N TRP A 109 3.95 -7.48 11.24
CA TRP A 109 4.04 -7.97 9.87
C TRP A 109 4.61 -6.86 9.00
N SER A 110 5.62 -7.18 8.21
CA SER A 110 6.12 -6.23 7.23
C SER A 110 6.36 -6.93 5.91
N PHE A 111 6.38 -6.16 4.83
CA PHE A 111 6.47 -6.72 3.48
C PHE A 111 7.14 -5.70 2.61
N THR A 112 8.01 -6.17 1.72
CA THR A 112 8.63 -5.30 0.74
C THR A 112 8.62 -6.02 -0.59
N SER A 113 8.22 -5.33 -1.67
CA SER A 113 8.27 -5.88 -3.02
C SER A 113 8.84 -4.85 -3.99
N LYS A 114 9.77 -5.27 -4.85
CA LYS A 114 10.37 -4.39 -5.84
C LYS A 114 10.26 -5.01 -7.21
N LEU A 115 9.79 -4.24 -8.18
CA LEU A 115 9.64 -4.69 -9.55
C LEU A 115 10.39 -3.73 -10.46
N LYS A 116 11.45 -4.22 -11.12
CA LYS A 116 12.30 -3.36 -11.92
C LYS A 116 12.15 -3.62 -13.42
N SER A 117 11.60 -2.64 -14.13
CA SER A 117 11.50 -2.69 -15.58
C SER A 117 12.91 -2.78 -16.19
N ASN A 118 13.08 -3.59 -17.22
CA ASN A 118 14.36 -3.59 -17.91
C ASN A 118 14.28 -2.59 -19.07
N SER A 119 13.07 -2.13 -19.34
CA SER A 119 12.81 -1.02 -20.26
C SER A 119 13.52 0.26 -19.80
N THR A 120 13.39 0.57 -18.51
CA THR A 120 13.91 1.83 -17.98
C THR A 120 14.94 1.61 -16.88
N HIS A 121 15.10 0.36 -16.44
CA HIS A 121 15.94 0.01 -15.29
C HIS A 121 15.52 0.82 -14.05
N GLU A 122 14.27 1.27 -14.06
CA GLU A 122 13.67 1.96 -12.92
C GLU A 122 12.72 1.01 -12.20
N THR A 123 12.37 1.38 -10.97
CA THR A 123 11.76 0.43 -10.06
C THR A 123 10.45 0.92 -9.45
N ASN A 124 9.42 0.07 -9.51
CA ASN A 124 8.25 0.26 -8.68
C ASN A 124 8.38 -0.58 -7.43
N ALA A 125 7.98 0.00 -6.29
CA ALA A 125 8.17 -0.69 -5.02
C ALA A 125 7.03 -0.41 -4.07
N LEU A 126 6.71 -1.43 -3.26
CA LEU A 126 5.78 -1.29 -2.15
C LEU A 126 6.45 -1.77 -0.88
N HIS A 127 6.35 -0.99 0.19
CA HIS A 127 6.80 -1.46 1.49
C HIS A 127 5.73 -1.12 2.53
N PHE A 128 5.36 -2.09 3.38
CA PHE A 128 4.54 -1.75 4.55
C PHE A 128 5.06 -2.43 5.81
N MET A 129 4.76 -1.83 6.96
CA MET A 129 5.25 -2.35 8.24
C MET A 129 4.20 -2.12 9.34
N PHE A 130 3.69 -3.22 9.91
CA PHE A 130 2.77 -3.16 11.03
C PHE A 130 3.53 -3.59 12.27
N ASN A 131 3.66 -2.71 13.25
CA ASN A 131 4.18 -3.16 14.54
C ASN A 131 3.10 -3.09 15.60
N GLN A 132 1.94 -2.59 15.20
CA GLN A 132 0.78 -2.50 16.07
C GLN A 132 -0.47 -2.51 15.21
N PHE A 133 -1.47 -3.28 15.62
CA PHE A 133 -2.72 -3.29 14.87
C PHE A 133 -3.79 -2.63 15.72
N SER A 134 -4.56 -1.72 15.12
CA SER A 134 -5.62 -1.06 15.88
C SER A 134 -6.98 -1.71 15.64
N LYS A 135 -7.97 -1.35 16.46
CA LYS A 135 -9.30 -1.95 16.34
C LYS A 135 -9.95 -1.58 15.03
N ASP A 136 -9.44 -0.54 14.39
CA ASP A 136 -9.97 -0.10 13.12
C ASP A 136 -8.85 -0.03 12.06
N GLN A 137 -8.32 -1.19 11.66
CA GLN A 137 -7.12 -1.20 10.82
C GLN A 137 -7.51 -1.14 9.34
N LYS A 138 -7.68 0.08 8.84
CA LYS A 138 -8.33 0.27 7.56
C LYS A 138 -7.51 -0.18 6.35
N ASP A 139 -6.22 -0.42 6.50
CA ASP A 139 -5.40 -0.87 5.35
C ASP A 139 -5.31 -2.41 5.29
N LEU A 140 -6.07 -3.07 6.15
CA LEU A 140 -6.23 -4.52 6.08
C LEU A 140 -7.64 -4.91 5.70
N ILE A 141 -7.74 -5.86 4.78
CA ILE A 141 -8.98 -6.55 4.51
C ILE A 141 -9.08 -7.79 5.41
N LEU A 142 -9.97 -7.74 6.40
CA LEU A 142 -10.13 -8.89 7.33
C LEU A 142 -11.22 -9.81 6.81
N GLN A 143 -10.97 -11.11 6.92
CA GLN A 143 -11.91 -12.12 6.42
C GLN A 143 -12.10 -13.16 7.52
N GLY A 144 -13.28 -13.78 7.55
CA GLY A 144 -13.60 -14.80 8.55
C GLY A 144 -13.59 -14.28 9.97
N ASP A 145 -12.90 -14.99 10.86
CA ASP A 145 -12.90 -14.65 12.27
C ASP A 145 -11.78 -13.70 12.68
N ALA A 146 -10.98 -13.24 11.71
CA ALA A 146 -9.85 -12.35 12.02
C ALA A 146 -10.33 -11.06 12.66
N THR A 147 -9.62 -10.61 13.71
CA THR A 147 -9.86 -9.30 14.33
C THR A 147 -8.55 -8.62 14.71
N THR A 148 -8.60 -7.32 14.90
CA THR A 148 -7.43 -6.54 15.24
C THR A 148 -7.71 -5.71 16.47
N GLY A 149 -6.67 -5.29 17.17
CA GLY A 149 -6.83 -4.28 18.20
C GLY A 149 -6.77 -4.78 19.64
N THR A 150 -6.95 -6.08 19.86
CA THR A 150 -6.80 -6.64 21.20
C THR A 150 -5.32 -6.69 21.56
N ASP A 151 -4.95 -5.90 22.57
CA ASP A 151 -3.55 -5.69 22.94
C ASP A 151 -2.66 -5.25 21.77
N GLY A 152 -3.25 -4.64 20.76
CA GLY A 152 -2.50 -4.16 19.61
C GLY A 152 -2.09 -5.26 18.64
N ASN A 153 -2.73 -6.42 18.75
CA ASN A 153 -2.38 -7.57 17.93
C ASN A 153 -3.45 -7.92 16.90
N LEU A 154 -3.05 -8.69 15.89
CA LEU A 154 -3.99 -9.25 14.92
C LEU A 154 -4.33 -10.68 15.34
N GLU A 155 -5.58 -10.96 15.67
CA GLU A 155 -5.98 -12.33 16.04
C GLU A 155 -6.64 -12.97 14.84
N LEU A 156 -5.92 -13.84 14.15
CA LEU A 156 -6.41 -14.44 12.91
C LEU A 156 -7.61 -15.37 13.13
N THR A 157 -7.60 -16.14 14.22
CA THR A 157 -8.71 -17.04 14.53
C THR A 157 -9.37 -16.70 15.86
N ARG A 158 -10.58 -17.22 16.06
CA ARG A 158 -11.44 -16.81 17.17
C ARG A 158 -10.86 -17.20 18.53
N VAL A 159 -10.86 -16.24 19.44
CA VAL A 159 -10.41 -16.43 20.81
C VAL A 159 -11.48 -15.89 21.75
N SER A 160 -11.95 -16.71 22.68
CA SER A 160 -12.98 -16.27 23.63
C SER A 160 -12.43 -15.21 24.59
N SER A 161 -13.33 -14.49 25.25
CA SER A 161 -12.96 -13.41 26.17
C SER A 161 -11.95 -13.84 27.23
N ASN A 162 -12.13 -15.04 27.77
CA ASN A 162 -11.20 -15.57 28.77
C ASN A 162 -9.78 -15.75 28.22
N GLY A 163 -9.66 -15.79 26.90
CA GLY A 163 -8.36 -15.91 26.24
C GLY A 163 -8.12 -17.28 25.63
N SER A 164 -9.13 -18.13 25.64
CA SER A 164 -8.98 -19.49 25.12
C SER A 164 -9.30 -19.58 23.63
N PRO A 165 -8.44 -20.26 22.87
CA PRO A 165 -8.74 -20.42 21.43
C PRO A 165 -9.98 -21.26 21.20
N GLN A 166 -10.66 -21.01 20.09
CA GLN A 166 -11.84 -21.80 19.73
C GLN A 166 -11.54 -22.66 18.51
N GLY A 167 -12.11 -23.85 18.49
CA GLY A 167 -11.97 -24.74 17.36
C GLY A 167 -12.82 -24.27 16.21
N SER A 168 -12.65 -24.93 15.07
CA SER A 168 -13.43 -24.68 13.85
C SER A 168 -13.46 -23.20 13.42
N SER A 169 -12.33 -22.52 13.57
CA SER A 169 -12.24 -21.11 13.23
C SER A 169 -11.32 -20.89 12.03
N VAL A 170 -11.63 -19.89 11.22
CA VAL A 170 -10.79 -19.56 10.08
C VAL A 170 -10.84 -18.04 9.91
N GLY A 171 -9.68 -17.43 9.62
CA GLY A 171 -9.61 -16.00 9.40
C GLY A 171 -8.34 -15.57 8.66
N ARG A 172 -8.43 -14.47 7.92
CA ARG A 172 -7.30 -13.97 7.13
C ARG A 172 -7.19 -12.45 7.20
N ALA A 173 -6.00 -11.92 6.89
CA ALA A 173 -5.81 -10.48 6.74
C ALA A 173 -4.99 -10.20 5.48
N LEU A 174 -5.59 -9.50 4.51
CA LEU A 174 -4.89 -9.16 3.29
C LEU A 174 -4.55 -7.68 3.29
N PHE A 175 -3.36 -7.34 2.82
CA PHE A 175 -3.02 -5.94 2.70
C PHE A 175 -3.89 -5.30 1.62
N TYR A 176 -4.35 -4.07 1.87
CA TYR A 176 -5.34 -3.43 0.98
C TYR A 176 -4.85 -3.27 -0.46
N ALA A 177 -3.61 -2.84 -0.63
CA ALA A 177 -3.10 -2.55 -1.97
C ALA A 177 -2.66 -3.81 -2.69
N PRO A 178 -3.16 -4.02 -3.92
CA PRO A 178 -2.58 -5.06 -4.78
C PRO A 178 -1.11 -4.82 -5.02
N VAL A 179 -0.42 -5.90 -5.39
CA VAL A 179 1.01 -5.94 -5.52
C VAL A 179 1.29 -6.40 -6.94
N HIS A 180 2.19 -5.72 -7.64
CA HIS A 180 2.54 -6.15 -9.02
C HIS A 180 3.71 -7.13 -8.96
N ILE A 181 3.45 -8.39 -9.25
CA ILE A 181 4.41 -9.47 -9.00
C ILE A 181 5.29 -9.82 -10.19
N TRP A 182 4.79 -9.55 -11.39
CA TRP A 182 5.59 -9.77 -12.60
C TRP A 182 5.01 -9.01 -13.78
N GLU A 183 5.88 -8.63 -14.73
CA GLU A 183 5.45 -8.01 -15.97
C GLU A 183 5.71 -8.93 -17.15
N SER A 184 6.73 -9.78 -16.99
CA SER A 184 7.10 -10.80 -17.98
C SER A 184 7.95 -11.86 -17.29
N SER A 185 8.36 -12.89 -18.03
CA SER A 185 9.25 -13.90 -17.45
C SER A 185 10.61 -13.27 -17.14
N ALA A 186 10.95 -12.22 -17.87
CA ALA A 186 12.20 -11.50 -17.65
C ALA A 186 12.06 -10.43 -16.56
N VAL A 187 10.82 -10.06 -16.22
CA VAL A 187 10.58 -9.02 -15.23
C VAL A 187 9.65 -9.54 -14.13
N VAL A 188 10.24 -10.02 -13.05
CA VAL A 188 9.48 -10.56 -11.92
C VAL A 188 9.92 -9.87 -10.63
N ALA A 189 8.98 -9.64 -9.73
CA ALA A 189 9.28 -8.91 -8.50
C ALA A 189 10.14 -9.72 -7.55
N SER A 190 11.06 -9.05 -6.85
N SER A 190 11.08 -9.05 -6.88
CA SER A 190 11.71 -9.68 -5.69
CA SER A 190 11.68 -9.62 -5.69
C SER A 190 11.05 -9.11 -4.44
C SER A 190 10.86 -9.14 -4.50
N PHE A 191 10.73 -9.98 -3.48
CA PHE A 191 10.00 -9.53 -2.29
C PHE A 191 10.45 -10.23 -1.04
N GLU A 192 10.13 -9.65 0.10
CA GLU A 192 10.36 -10.33 1.35
C GLU A 192 9.30 -9.93 2.35
N ALA A 193 8.96 -10.88 3.20
CA ALA A 193 7.94 -10.67 4.24
C ALA A 193 8.47 -11.20 5.55
N THR A 194 8.07 -10.56 6.64
CA THR A 194 8.46 -10.99 7.98
C THR A 194 7.25 -10.84 8.88
N PHE A 195 6.98 -11.81 9.75
CA PHE A 195 5.98 -11.57 10.77
C PHE A 195 6.35 -12.30 12.05
N THR A 196 5.89 -11.77 13.17
CA THR A 196 6.06 -12.43 14.45
C THR A 196 4.70 -12.94 14.90
N PHE A 197 4.70 -14.08 15.57
CA PHE A 197 3.46 -14.78 15.83
C PHE A 197 3.51 -15.44 17.19
N LEU A 198 2.34 -15.68 17.77
CA LEU A 198 2.27 -16.34 19.08
C LEU A 198 1.20 -17.41 19.02
N ILE A 199 1.64 -18.66 19.08
CA ILE A 199 0.73 -19.77 19.02
C ILE A 199 0.67 -20.42 20.40
N LYS A 200 -0.50 -20.39 21.03
CA LYS A 200 -0.72 -21.00 22.34
C LYS A 200 -1.84 -22.03 22.27
N SER A 201 -1.64 -23.16 22.93
CA SER A 201 -2.66 -24.18 23.02
C SER A 201 -2.78 -24.68 24.45
N PRO A 202 -4.02 -24.90 24.92
CA PRO A 202 -4.28 -25.55 26.21
C PRO A 202 -3.98 -27.05 26.17
N ASP A 203 -4.50 -27.71 25.15
CA ASP A 203 -4.27 -29.13 24.95
C ASP A 203 -2.83 -29.39 24.52
N SER A 204 -2.42 -30.66 24.60
CA SER A 204 -1.10 -31.06 24.12
C SER A 204 -1.06 -31.00 22.59
N HIS A 205 -2.21 -30.72 21.99
CA HIS A 205 -2.33 -30.79 20.55
C HIS A 205 -2.82 -29.48 19.93
N PRO A 206 -1.88 -28.58 19.61
CA PRO A 206 -2.28 -27.38 18.85
C PRO A 206 -2.68 -27.73 17.42
N ALA A 207 -3.59 -26.95 16.84
CA ALA A 207 -3.95 -27.08 15.42
C ALA A 207 -4.60 -25.75 15.01
N ASP A 208 -4.53 -25.34 13.73
CA ASP A 208 -3.95 -26.12 12.63
C ASP A 208 -2.75 -25.45 11.97
N GLY A 209 -2.59 -24.14 12.16
CA GLY A 209 -1.42 -23.43 11.66
C GLY A 209 -1.68 -22.00 11.21
N ILE A 210 -0.61 -21.34 10.77
CA ILE A 210 -0.64 -19.98 10.19
C ILE A 210 0.06 -20.02 8.86
N ALA A 211 -0.38 -19.22 7.88
CA ALA A 211 0.34 -19.13 6.62
C ALA A 211 0.46 -17.70 6.14
N PHE A 212 1.61 -17.37 5.55
CA PHE A 212 1.76 -16.20 4.70
C PHE A 212 1.38 -16.63 3.28
N PHE A 213 0.51 -15.88 2.63
CA PHE A 213 0.09 -16.29 1.31
C PHE A 213 0.02 -15.15 0.29
N ILE A 214 0.02 -15.56 -0.98
CA ILE A 214 -0.07 -14.67 -2.12
C ILE A 214 -1.20 -15.20 -2.99
N SER A 215 -2.15 -14.36 -3.35
CA SER A 215 -3.33 -14.82 -4.07
C SER A 215 -3.74 -13.88 -5.16
N ASN A 216 -4.66 -14.34 -6.01
CA ASN A 216 -5.44 -13.42 -6.84
C ASN A 216 -6.05 -12.33 -5.97
N ILE A 217 -6.18 -11.13 -6.52
CA ILE A 217 -6.60 -9.98 -5.71
C ILE A 217 -7.97 -10.12 -5.07
N ASP A 218 -8.86 -10.88 -5.69
CA ASP A 218 -10.21 -11.02 -5.16
C ASP A 218 -10.40 -12.29 -4.34
N SER A 219 -9.31 -12.89 -3.88
CA SER A 219 -9.36 -14.13 -3.11
C SER A 219 -10.23 -13.98 -1.86
N SER A 220 -10.96 -15.04 -1.53
CA SER A 220 -11.72 -15.07 -0.27
C SER A 220 -11.59 -16.46 0.35
N ILE A 221 -11.96 -16.60 1.62
CA ILE A 221 -11.88 -17.90 2.30
C ILE A 221 -12.72 -18.94 1.58
N PRO A 222 -12.08 -20.03 1.12
CA PRO A 222 -12.82 -21.07 0.42
C PRO A 222 -13.79 -21.78 1.36
N SER A 223 -14.92 -22.21 0.81
CA SER A 223 -15.90 -22.98 1.57
C SER A 223 -15.25 -24.25 2.11
N GLY A 224 -15.49 -24.55 3.39
CA GLY A 224 -14.92 -25.74 4.01
C GLY A 224 -13.39 -25.78 4.09
N SER A 225 -12.78 -24.65 4.44
CA SER A 225 -11.32 -24.60 4.49
C SER A 225 -10.83 -24.41 5.91
N THR A 226 -11.70 -24.64 6.89
CA THR A 226 -11.30 -24.69 8.27
C THR A 226 -10.38 -25.88 8.49
N GLY A 227 -9.66 -25.90 9.60
CA GLY A 227 -8.82 -27.03 9.94
C GLY A 227 -7.62 -27.18 9.01
N ARG A 228 -7.44 -28.38 8.47
CA ARG A 228 -6.21 -28.74 7.78
C ARG A 228 -5.96 -27.95 6.50
N LEU A 229 -6.99 -27.30 5.97
CA LEU A 229 -6.83 -26.55 4.72
C LEU A 229 -6.43 -25.08 4.96
N LEU A 230 -6.24 -24.70 6.21
CA LEU A 230 -5.55 -23.45 6.60
C LEU A 230 -6.21 -22.18 6.07
N GLY A 231 -7.45 -22.32 5.64
CA GLY A 231 -8.23 -21.20 5.12
C GLY A 231 -7.77 -20.82 3.74
N LEU A 232 -7.05 -21.72 3.09
CA LEU A 232 -6.40 -21.43 1.81
C LEU A 232 -6.96 -22.18 0.62
N PHE A 233 -7.43 -23.41 0.86
CA PHE A 233 -7.80 -24.30 -0.24
C PHE A 233 -9.20 -24.85 -0.06
N PRO A 234 -9.89 -25.09 -1.18
CA PRO A 234 -11.24 -25.67 -1.10
C PRO A 234 -11.21 -27.18 -0.88
N ASP A 235 -10.06 -27.80 -1.11
CA ASP A 235 -9.90 -29.25 -0.94
C ASP A 235 -8.45 -29.63 -0.70
N ALA A 236 -8.18 -30.93 -0.63
CA ALA A 236 -6.85 -31.42 -0.31
C ALA A 236 -6.11 -31.98 -1.52
N ASN A 237 -6.57 -31.65 -2.73
CA ASN A 237 -5.87 -32.13 -3.92
C ASN A 237 -4.45 -31.57 -3.99
N ALA B 1 -17.84 18.93 1.27
CA ALA B 1 -18.08 17.76 2.11
C ALA B 1 -16.80 16.94 2.34
N ASP B 2 -16.00 16.73 1.29
CA ASP B 2 -14.69 16.11 1.44
C ASP B 2 -13.79 17.00 2.31
N THR B 3 -12.82 16.40 3.00
CA THR B 3 -11.79 17.16 3.72
C THR B 3 -10.46 17.10 2.96
N ILE B 4 -9.96 18.25 2.55
CA ILE B 4 -8.78 18.33 1.70
C ILE B 4 -7.62 19.15 2.26
N VAL B 5 -6.45 18.52 2.29
CA VAL B 5 -5.18 19.23 2.45
C VAL B 5 -4.40 19.06 1.17
N ALA B 6 -3.93 20.15 0.55
CA ALA B 6 -3.18 19.96 -0.69
C ALA B 6 -2.01 20.91 -0.87
N VAL B 7 -1.03 20.44 -1.62
CA VAL B 7 -0.05 21.33 -2.20
C VAL B 7 -0.38 21.54 -3.68
N GLU B 8 -0.68 22.78 -4.07
CA GLU B 8 -1.01 23.03 -5.49
C GLU B 8 0.15 23.61 -6.28
N LEU B 9 0.27 23.14 -7.52
CA LEU B 9 1.15 23.76 -8.50
C LEU B 9 0.21 24.48 -9.43
N ASP B 10 -0.06 25.73 -9.12
CA ASP B 10 -1.10 26.46 -9.80
C ASP B 10 -0.53 27.24 -10.98
N THR B 11 -0.87 26.81 -12.19
CA THR B 11 -0.32 27.42 -13.40
C THR B 11 -1.11 28.62 -13.90
N TYR B 12 -2.34 28.83 -13.42
CA TYR B 12 -3.19 29.89 -13.98
C TYR B 12 -3.72 30.81 -12.90
N PRO B 13 -3.40 32.10 -13.01
CA PRO B 13 -3.82 33.06 -11.98
C PRO B 13 -5.31 33.38 -12.01
N ASN B 14 -6.06 32.88 -11.03
CA ASN B 14 -7.47 33.28 -10.86
C ASN B 14 -7.57 34.34 -9.78
N THR B 15 -7.24 35.59 -10.14
CA THR B 15 -7.19 36.68 -9.15
C THR B 15 -8.55 36.97 -8.53
N ASP B 16 -9.61 36.61 -9.25
CA ASP B 16 -10.97 36.65 -8.76
C ASP B 16 -11.12 35.94 -7.41
N ILE B 17 -10.40 34.85 -7.21
CA ILE B 17 -10.57 34.07 -5.98
C ILE B 17 -9.30 33.93 -5.15
N GLY B 18 -8.45 34.95 -5.16
CA GLY B 18 -7.33 35.02 -4.24
C GLY B 18 -5.95 34.65 -4.77
N ASP B 19 -5.89 34.08 -5.96
CA ASP B 19 -4.62 33.82 -6.61
C ASP B 19 -3.79 35.09 -6.78
N PRO B 20 -2.48 35.00 -6.55
CA PRO B 20 -1.58 36.07 -7.02
C PRO B 20 -1.56 36.09 -8.53
N SER B 21 -1.01 37.16 -9.10
CA SER B 21 -1.01 37.39 -10.54
C SER B 21 0.15 36.70 -11.23
N TYR B 22 0.46 35.48 -10.82
CA TYR B 22 1.56 34.72 -11.44
C TYR B 22 1.40 33.24 -11.11
N PRO B 23 2.00 32.35 -11.92
CA PRO B 23 2.07 30.94 -11.56
C PRO B 23 2.73 30.78 -10.18
N HIS B 24 2.17 29.94 -9.32
CA HIS B 24 2.66 29.84 -7.97
C HIS B 24 2.49 28.44 -7.41
N ILE B 25 3.21 28.15 -6.33
CA ILE B 25 2.88 26.98 -5.54
C ILE B 25 2.21 27.42 -4.27
N GLY B 26 1.22 26.65 -3.80
CA GLY B 26 0.48 27.03 -2.61
C GLY B 26 0.15 25.88 -1.66
N ILE B 27 -0.02 26.21 -0.38
CA ILE B 27 -0.52 25.25 0.61
C ILE B 27 -2.01 25.43 0.84
N ASP B 28 -2.80 24.40 0.56
CA ASP B 28 -4.25 24.51 0.73
C ASP B 28 -4.74 23.68 1.88
N ILE B 29 -5.40 24.33 2.83
CA ILE B 29 -5.99 23.67 3.98
C ILE B 29 -7.50 23.88 3.93
N LYS B 30 -8.22 22.88 3.41
CA LYS B 30 -9.68 22.88 3.36
C LYS B 30 -10.26 24.03 2.53
N SER B 31 -9.44 24.66 1.71
CA SER B 31 -9.90 25.69 0.79
C SER B 31 -8.93 25.85 -0.36
N VAL B 32 -9.43 26.18 -1.54
CA VAL B 32 -8.59 26.47 -2.70
C VAL B 32 -7.82 27.79 -2.53
N ARG B 33 -8.29 28.64 -1.62
CA ARG B 33 -7.58 29.87 -1.33
C ARG B 33 -6.43 29.59 -0.37
N SER B 34 -5.24 29.46 -0.95
CA SER B 34 -4.06 28.94 -0.26
C SER B 34 -3.70 29.73 0.97
N LYS B 35 -3.28 29.02 2.02
CA LYS B 35 -2.84 29.68 3.25
C LYS B 35 -1.50 30.37 3.04
N LYS B 36 -0.68 29.83 2.14
CA LYS B 36 0.61 30.43 1.81
C LYS B 36 0.93 30.11 0.37
N THR B 37 1.57 31.05 -0.33
CA THR B 37 2.02 30.81 -1.70
C THR B 37 3.45 31.28 -1.89
N ALA B 38 4.05 30.84 -2.97
CA ALA B 38 5.33 31.36 -3.41
C ALA B 38 5.28 31.42 -4.92
N LYS B 39 5.98 32.38 -5.49
CA LYS B 39 6.03 32.52 -6.94
C LYS B 39 6.77 31.34 -7.55
N TRP B 40 6.24 30.87 -8.67
CA TRP B 40 6.81 29.72 -9.34
C TRP B 40 7.16 30.10 -10.77
N ASN B 41 8.45 30.13 -11.08
CA ASN B 41 8.91 30.41 -12.42
C ASN B 41 8.82 29.15 -13.24
N MET B 42 7.63 28.96 -13.80
CA MET B 42 7.28 27.77 -14.54
C MET B 42 8.07 27.72 -15.84
N GLN B 43 8.53 26.54 -16.21
CA GLN B 43 9.20 26.35 -17.50
C GLN B 43 8.36 25.41 -18.36
N ASN B 44 7.75 25.94 -19.41
CA ASN B 44 6.90 25.15 -20.30
C ASN B 44 7.68 24.01 -20.95
N GLY B 45 7.16 22.79 -20.86
CA GLY B 45 7.78 21.65 -21.50
C GLY B 45 9.05 21.09 -20.88
N LYS B 46 9.41 21.49 -19.67
CA LYS B 46 10.54 20.84 -18.99
C LYS B 46 10.05 20.02 -17.79
N VAL B 47 10.71 18.90 -17.53
CA VAL B 47 10.34 18.02 -16.42
C VAL B 47 10.67 18.67 -15.07
N GLY B 48 9.67 18.82 -14.23
CA GLY B 48 9.87 19.44 -12.92
C GLY B 48 9.84 18.40 -11.81
N THR B 49 10.20 18.82 -10.60
CA THR B 49 10.12 17.94 -9.44
C THR B 49 9.49 18.66 -8.27
N ALA B 50 8.54 18.02 -7.60
CA ALA B 50 7.90 18.59 -6.42
C ALA B 50 8.22 17.71 -5.24
N HIS B 51 8.57 18.33 -4.12
CA HIS B 51 8.85 17.58 -2.90
C HIS B 51 8.05 18.17 -1.75
N ILE B 52 7.31 17.31 -1.04
CA ILE B 52 6.41 17.76 0.02
C ILE B 52 6.79 17.03 1.30
N ILE B 53 6.87 17.76 2.41
CA ILE B 53 7.25 17.13 3.68
C ILE B 53 6.46 17.68 4.85
N TYR B 54 6.21 16.80 5.81
CA TYR B 54 5.54 17.18 7.04
C TYR B 54 6.06 16.31 8.15
N ASN B 55 6.37 16.89 9.30
CA ASN B 55 6.59 16.04 10.46
C ASN B 55 5.90 16.65 11.67
N SER B 56 5.48 15.79 12.58
CA SER B 56 4.66 16.22 13.71
C SER B 56 5.47 16.92 14.77
N VAL B 57 6.78 16.95 14.61
CA VAL B 57 7.63 17.69 15.53
C VAL B 57 7.59 19.18 15.19
N ASP B 58 7.99 19.57 13.98
CA ASP B 58 7.79 20.95 13.52
C ASP B 58 6.31 21.30 13.43
N LYS B 59 5.49 20.29 13.11
CA LYS B 59 4.10 20.50 12.71
C LYS B 59 4.04 21.53 11.61
N ARG B 60 4.93 21.35 10.65
CA ARG B 60 5.14 22.29 9.57
C ARG B 60 5.10 21.63 8.17
N LEU B 61 4.14 22.03 7.34
CA LEU B 61 3.99 21.46 6.01
C LEU B 61 4.73 22.31 5.00
N SER B 62 5.64 21.68 4.25
CA SER B 62 6.45 22.42 3.32
C SER B 62 6.47 21.74 1.98
N ALA B 63 6.72 22.53 0.95
CA ALA B 63 6.84 22.01 -0.40
C ALA B 63 7.86 22.80 -1.21
N VAL B 64 8.57 22.08 -2.06
CA VAL B 64 9.56 22.64 -2.97
C VAL B 64 9.32 22.14 -4.39
N VAL B 65 9.31 23.06 -5.36
CA VAL B 65 9.22 22.68 -6.77
C VAL B 65 10.45 23.21 -7.49
N SER B 66 11.03 22.41 -8.38
CA SER B 66 12.26 22.83 -9.02
C SER B 66 12.48 22.20 -10.38
N TYR B 67 13.44 22.76 -11.11
CA TYR B 67 13.88 22.20 -12.38
C TYR B 67 15.39 22.01 -12.30
N PRO B 68 15.95 21.19 -13.20
CA PRO B 68 17.41 21.15 -13.26
C PRO B 68 17.99 22.52 -13.61
N ASN B 69 18.96 22.97 -12.82
CA ASN B 69 19.69 24.22 -13.06
C ASN B 69 18.80 25.45 -13.01
N ALA B 70 18.02 25.56 -11.94
CA ALA B 70 17.17 26.71 -11.73
C ALA B 70 16.93 26.86 -10.24
N ASP B 71 16.53 28.07 -9.84
CA ASP B 71 16.18 28.28 -8.44
C ASP B 71 14.88 27.56 -8.17
N SER B 72 14.78 26.98 -6.98
CA SER B 72 13.56 26.30 -6.59
C SER B 72 12.61 27.31 -5.94
N ALA B 73 11.32 27.00 -5.95
CA ALA B 73 10.35 27.77 -5.19
C ALA B 73 9.93 26.97 -3.96
N THR B 74 9.88 27.62 -2.81
CA THR B 74 9.58 26.95 -1.56
C THR B 74 8.44 27.63 -0.86
N VAL B 75 7.55 26.84 -0.25
CA VAL B 75 6.48 27.40 0.55
C VAL B 75 6.27 26.53 1.79
N SER B 76 6.03 27.18 2.92
CA SER B 76 5.83 26.50 4.20
C SER B 76 4.65 27.08 4.97
N TYR B 77 4.05 26.24 5.79
CA TYR B 77 2.93 26.68 6.60
C TYR B 77 2.87 25.87 7.87
N ASP B 78 2.82 26.56 9.00
CA ASP B 78 2.64 25.89 10.28
C ASP B 78 1.21 25.42 10.38
N VAL B 79 1.03 24.12 10.59
CA VAL B 79 -0.31 23.56 10.69
C VAL B 79 -0.29 22.23 11.42
N ASP B 80 -1.29 22.05 12.26
CA ASP B 80 -1.48 20.86 13.07
C ASP B 80 -2.46 19.92 12.37
N LEU B 81 -1.94 18.98 11.58
CA LEU B 81 -2.80 18.18 10.72
C LEU B 81 -3.76 17.26 11.47
N ASP B 82 -3.44 16.90 12.71
CA ASP B 82 -4.39 16.07 13.46
C ASP B 82 -5.65 16.85 13.79
N ASN B 83 -5.60 18.17 13.65
CA ASN B 83 -6.80 18.97 13.87
C ASN B 83 -7.52 19.33 12.57
N VAL B 84 -7.00 18.84 11.45
CA VAL B 84 -7.56 19.16 10.15
C VAL B 84 -8.06 17.91 9.40
N LEU B 85 -7.26 16.85 9.42
CA LEU B 85 -7.55 15.64 8.66
C LEU B 85 -8.19 14.56 9.51
N PRO B 86 -8.95 13.65 8.88
CA PRO B 86 -9.36 12.46 9.62
C PRO B 86 -8.14 11.60 9.91
N GLU B 87 -8.27 10.67 10.86
CA GLU B 87 -7.16 9.81 11.24
C GLU B 87 -6.66 8.98 10.06
N TRP B 88 -7.60 8.38 9.34
CA TRP B 88 -7.27 7.64 8.12
C TRP B 88 -7.58 8.48 6.89
N VAL B 89 -6.69 8.43 5.91
CA VAL B 89 -6.82 9.24 4.69
C VAL B 89 -6.44 8.43 3.46
N ARG B 90 -6.74 8.96 2.28
CA ARG B 90 -6.00 8.53 1.10
C ARG B 90 -5.15 9.68 0.58
N VAL B 91 -4.07 9.36 -0.14
CA VAL B 91 -3.21 10.39 -0.70
C VAL B 91 -3.32 10.26 -2.21
N GLY B 92 -3.08 11.35 -2.92
CA GLY B 92 -3.20 11.28 -4.36
C GLY B 92 -2.73 12.50 -5.11
N LEU B 93 -2.90 12.43 -6.43
CA LEU B 93 -2.54 13.51 -7.33
C LEU B 93 -3.77 13.91 -8.11
N SER B 94 -3.93 15.21 -8.30
CA SER B 94 -5.09 15.75 -8.99
C SER B 94 -4.62 16.79 -9.99
N ALA B 95 -5.38 16.98 -11.06
CA ALA B 95 -5.10 18.03 -12.01
C ALA B 95 -6.36 18.42 -12.77
N SER B 96 -6.33 19.59 -13.39
CA SER B 96 -7.46 19.99 -14.21
C SER B 96 -7.07 21.01 -15.27
N THR B 97 -7.98 21.19 -16.20
CA THR B 97 -7.92 22.23 -17.22
C THR B 97 -9.29 22.91 -17.24
N GLY B 98 -9.38 24.04 -17.95
CA GLY B 98 -10.62 24.80 -17.96
C GLY B 98 -10.84 25.37 -19.35
N LEU B 99 -10.96 26.68 -19.46
CA LEU B 99 -10.94 27.31 -20.78
C LEU B 99 -9.55 27.18 -21.37
N TYR B 100 -8.53 27.34 -20.53
CA TYR B 100 -7.18 27.12 -21.02
C TYR B 100 -6.73 25.75 -20.55
N LYS B 101 -5.61 25.27 -21.08
CA LYS B 101 -5.26 23.88 -20.92
C LYS B 101 -3.76 23.65 -20.93
N GLU B 102 -3.37 22.42 -20.62
CA GLU B 102 -1.98 22.00 -20.52
C GLU B 102 -1.97 20.49 -20.39
N THR B 103 -0.85 19.84 -20.69
CA THR B 103 -0.75 18.43 -20.29
C THR B 103 -0.43 18.41 -18.79
N ASN B 104 -0.89 17.37 -18.12
CA ASN B 104 -0.64 17.22 -16.68
C ASN B 104 -0.09 15.84 -16.48
N THR B 105 1.12 15.64 -17.00
CA THR B 105 1.77 14.35 -17.07
C THR B 105 2.66 14.06 -15.85
N ILE B 106 2.40 12.93 -15.22
CA ILE B 106 3.20 12.50 -14.06
C ILE B 106 4.14 11.40 -14.49
N LEU B 107 5.44 11.60 -14.27
CA LEU B 107 6.45 10.63 -14.71
C LEU B 107 6.86 9.66 -13.59
N SER B 108 6.66 10.10 -12.35
CA SER B 108 7.05 9.30 -11.18
C SER B 108 6.36 9.87 -9.94
N TRP B 109 6.12 9.01 -8.95
CA TRP B 109 5.45 9.43 -7.73
C TRP B 109 5.87 8.49 -6.60
N SER B 110 6.39 9.04 -5.52
CA SER B 110 6.69 8.20 -4.36
C SER B 110 6.20 8.87 -3.08
N PHE B 111 5.99 8.07 -2.04
CA PHE B 111 5.38 8.54 -0.83
C PHE B 111 5.81 7.65 0.31
N THR B 112 6.10 8.26 1.45
CA THR B 112 6.40 7.54 2.68
C THR B 112 5.62 8.17 3.81
N SER B 113 4.97 7.36 4.64
CA SER B 113 4.36 7.85 5.88
C SER B 113 4.78 6.96 7.06
N LYS B 114 5.13 7.57 8.18
CA LYS B 114 5.57 6.83 9.36
C LYS B 114 4.84 7.29 10.60
N LEU B 115 4.37 6.33 11.40
CA LEU B 115 3.75 6.59 12.70
C LEU B 115 4.53 5.87 13.78
N LYS B 116 5.14 6.63 14.69
CA LYS B 116 5.89 6.03 15.79
C LYS B 116 5.12 6.24 17.10
N SER B 117 4.54 5.15 17.64
CA SER B 117 3.58 5.25 18.75
C SER B 117 4.25 5.44 20.14
N ASN B 118 3.53 6.08 21.07
CA ASN B 118 4.17 6.79 22.19
C ASN B 118 4.94 5.98 23.22
N SER B 119 4.63 4.71 23.41
CA SER B 119 5.40 3.98 24.44
C SER B 119 6.10 2.65 24.03
N THR B 120 5.61 1.90 23.03
CA THR B 120 6.47 0.81 22.53
C THR B 120 7.57 1.44 21.67
N HIS B 121 7.30 2.66 21.24
CA HIS B 121 8.21 3.43 20.39
C HIS B 121 8.52 2.67 19.09
N GLU B 122 7.62 1.78 18.72
CA GLU B 122 7.71 1.04 17.48
C GLU B 122 7.17 1.90 16.34
N THR B 123 7.34 1.42 15.10
CA THR B 123 6.96 2.20 13.93
C THR B 123 5.98 1.48 13.01
N ASN B 124 4.85 2.10 12.69
CA ASN B 124 4.05 1.66 11.56
C ASN B 124 4.41 2.55 10.35
N ALA B 125 4.54 1.94 9.18
CA ALA B 125 5.03 2.66 8.01
C ALA B 125 4.43 2.15 6.70
N LEU B 126 4.29 3.07 5.75
CA LEU B 126 3.89 2.75 4.38
C LEU B 126 4.82 3.52 3.45
N HIS B 127 5.32 2.83 2.44
CA HIS B 127 6.13 3.50 1.42
C HIS B 127 5.79 2.94 0.05
N PHE B 128 5.53 3.83 -0.91
CA PHE B 128 5.40 3.35 -2.27
C PHE B 128 6.17 4.25 -3.26
N MET B 129 6.47 3.67 -4.40
CA MET B 129 7.31 4.28 -5.42
C MET B 129 6.85 3.88 -6.80
N PHE B 130 6.38 4.86 -7.57
CA PHE B 130 6.07 4.63 -8.98
C PHE B 130 7.14 5.29 -9.83
N ASN B 131 7.87 4.53 -10.63
CA ASN B 131 8.71 5.11 -11.64
C ASN B 131 8.14 4.72 -12.99
N GLN B 132 7.15 3.82 -13.02
CA GLN B 132 6.48 3.57 -14.29
C GLN B 132 5.00 3.36 -13.97
N PHE B 133 4.15 3.78 -14.89
CA PHE B 133 2.75 3.47 -14.76
C PHE B 133 2.34 2.62 -15.95
N SER B 134 1.62 1.54 -15.70
CA SER B 134 1.12 0.70 -16.80
C SER B 134 -0.39 0.87 -17.03
N LYS B 135 -0.86 0.40 -18.18
CA LYS B 135 -2.24 0.59 -18.59
C LYS B 135 -3.25 0.02 -17.57
N ASP B 136 -2.86 -0.99 -16.80
CA ASP B 136 -3.78 -1.50 -15.77
C ASP B 136 -3.12 -1.42 -14.39
N GLN B 137 -2.97 -0.20 -13.88
CA GLN B 137 -2.21 0.04 -12.66
C GLN B 137 -3.13 -0.16 -11.45
N LYS B 138 -3.24 -1.41 -10.99
CA LYS B 138 -4.27 -1.79 -10.02
C LYS B 138 -4.09 -1.24 -8.59
N ASP B 139 -2.90 -0.74 -8.26
CA ASP B 139 -2.72 -0.11 -6.97
C ASP B 139 -3.06 1.38 -6.98
N LEU B 140 -3.61 1.86 -8.09
CA LEU B 140 -4.09 3.25 -8.17
C LEU B 140 -5.58 3.28 -8.41
N ILE B 141 -6.27 4.14 -7.69
CA ILE B 141 -7.66 4.43 -7.99
C ILE B 141 -7.71 5.65 -8.92
N LEU B 142 -8.09 5.44 -10.17
CA LEU B 142 -8.21 6.54 -11.12
C LEU B 142 -9.61 7.13 -11.15
N GLN B 143 -9.68 8.46 -11.16
CA GLN B 143 -10.96 9.17 -11.15
C GLN B 143 -10.99 10.18 -12.31
N GLY B 144 -12.19 10.44 -12.83
CA GLY B 144 -12.35 11.38 -13.94
C GLY B 144 -11.59 10.95 -15.19
N ASP B 145 -10.87 11.89 -15.81
CA ASP B 145 -10.17 11.60 -17.07
C ASP B 145 -8.77 11.01 -16.91
N ALA B 146 -8.35 10.70 -15.69
CA ALA B 146 -6.99 10.17 -15.48
C ALA B 146 -6.80 8.83 -16.19
N THR B 147 -5.65 8.65 -16.84
CA THR B 147 -5.31 7.38 -17.49
C THR B 147 -3.86 7.04 -17.21
N THR B 148 -3.51 5.77 -17.36
CA THR B 148 -2.13 5.35 -17.22
C THR B 148 -1.69 4.50 -18.40
N GLY B 149 -0.39 4.49 -18.68
CA GLY B 149 0.16 3.51 -19.60
C GLY B 149 0.73 4.06 -20.89
N THR B 150 0.30 5.25 -21.27
CA THR B 150 0.85 5.91 -22.44
C THR B 150 2.27 6.36 -22.13
N ASP B 151 3.24 5.80 -22.85
CA ASP B 151 4.67 6.00 -22.57
C ASP B 151 5.04 5.78 -21.11
N GLY B 152 4.29 4.89 -20.44
CA GLY B 152 4.59 4.54 -19.06
C GLY B 152 4.26 5.65 -18.08
N ASN B 153 3.44 6.61 -18.50
CA ASN B 153 3.15 7.76 -17.66
C ASN B 153 1.71 7.77 -17.18
N LEU B 154 1.45 8.63 -16.21
CA LEU B 154 0.13 8.87 -15.68
C LEU B 154 -0.37 10.19 -16.26
N GLU B 155 -1.41 10.15 -17.08
CA GLU B 155 -1.96 11.39 -17.63
C GLU B 155 -3.16 11.81 -16.81
N LEU B 156 -3.00 12.81 -15.96
CA LEU B 156 -4.07 13.18 -15.05
C LEU B 156 -5.26 13.77 -15.83
N THR B 157 -4.98 14.53 -16.89
CA THR B 157 -6.08 15.11 -17.66
C THR B 157 -6.04 14.67 -19.13
N ARG B 158 -7.15 14.92 -19.82
CA ARG B 158 -7.36 14.38 -21.16
C ARG B 158 -6.39 14.97 -22.19
N VAL B 159 -5.71 14.09 -22.90
CA VAL B 159 -4.85 14.45 -24.02
C VAL B 159 -5.29 13.65 -25.25
N SER B 160 -5.32 14.29 -26.41
CA SER B 160 -5.75 13.59 -27.63
C SER B 160 -4.61 12.77 -28.24
N SER B 161 -4.92 11.98 -29.27
CA SER B 161 -3.89 11.19 -29.94
C SER B 161 -2.75 12.07 -30.48
N ASN B 162 -3.08 13.30 -30.85
CA ASN B 162 -2.07 14.34 -31.17
C ASN B 162 -0.97 14.50 -30.13
N GLY B 163 -1.33 14.34 -28.87
CA GLY B 163 -0.50 14.82 -27.77
C GLY B 163 -1.01 16.18 -27.36
N SER B 164 -2.22 16.49 -27.83
CA SER B 164 -2.85 17.79 -27.61
C SER B 164 -3.77 17.77 -26.40
N PRO B 165 -3.45 18.60 -25.39
CA PRO B 165 -4.29 18.64 -24.19
C PRO B 165 -5.67 19.20 -24.45
N GLN B 166 -6.64 18.79 -23.64
CA GLN B 166 -8.01 19.26 -23.81
C GLN B 166 -8.49 20.14 -22.65
N GLY B 167 -9.35 21.09 -22.98
CA GLY B 167 -9.95 21.96 -21.99
C GLY B 167 -11.02 21.24 -21.19
N SER B 168 -11.47 21.88 -20.11
CA SER B 168 -12.49 21.37 -19.22
C SER B 168 -12.26 19.91 -18.80
N SER B 169 -11.03 19.56 -18.45
CA SER B 169 -10.73 18.18 -18.04
C SER B 169 -10.35 18.11 -16.57
N VAL B 170 -10.65 16.99 -15.94
CA VAL B 170 -10.32 16.81 -14.53
C VAL B 170 -10.07 15.33 -14.28
N GLY B 171 -8.98 15.04 -13.58
CA GLY B 171 -8.69 13.65 -13.24
C GLY B 171 -7.77 13.53 -12.04
N ARG B 172 -7.87 12.40 -11.34
CA ARG B 172 -7.12 12.17 -10.11
C ARG B 172 -6.64 10.73 -10.03
N ALA B 173 -5.57 10.51 -9.28
CA ALA B 173 -5.09 9.17 -8.98
C ALA B 173 -4.80 9.09 -7.48
N LEU B 174 -5.44 8.13 -6.81
CA LEU B 174 -5.22 7.94 -5.39
C LEU B 174 -4.60 6.58 -5.16
N PHE B 175 -3.66 6.51 -4.21
CA PHE B 175 -3.06 5.23 -3.89
C PHE B 175 -4.10 4.35 -3.22
N TYR B 176 -4.09 3.08 -3.60
CA TYR B 176 -5.17 2.18 -3.22
C TYR B 176 -5.35 2.04 -1.72
N ALA B 177 -4.24 1.94 -0.98
CA ALA B 177 -4.32 1.71 0.48
C ALA B 177 -4.54 3.00 1.27
N PRO B 178 -5.50 2.98 2.20
CA PRO B 178 -5.57 4.12 3.12
C PRO B 178 -4.31 4.23 3.97
N VAL B 179 -4.06 5.43 4.46
CA VAL B 179 -2.86 5.76 5.20
C VAL B 179 -3.25 6.25 6.58
N HIS B 180 -2.57 5.74 7.62
CA HIS B 180 -2.86 6.18 8.98
C HIS B 180 -1.96 7.38 9.26
N ILE B 181 -2.49 8.57 9.04
CA ILE B 181 -1.64 9.74 8.85
C ILE B 181 -1.28 10.41 10.17
N TRP B 182 -2.17 10.28 11.15
CA TRP B 182 -1.83 10.72 12.50
C TRP B 182 -2.51 9.83 13.50
N GLU B 183 -1.90 9.76 14.68
CA GLU B 183 -2.49 9.10 15.82
C GLU B 183 -2.04 9.92 17.00
N SER B 184 -2.99 10.36 17.83
CA SER B 184 -2.63 11.23 18.96
C SER B 184 -1.91 10.44 20.05
N SER B 185 -1.54 9.21 19.71
CA SER B 185 -0.80 8.32 20.59
C SER B 185 0.60 8.04 20.02
N ALA B 186 1.03 8.86 19.06
CA ALA B 186 2.33 8.68 18.42
C ALA B 186 3.34 9.73 18.86
N VAL B 187 4.59 9.31 19.09
CA VAL B 187 5.66 10.26 19.43
C VAL B 187 5.94 11.18 18.26
N VAL B 188 6.16 10.56 17.10
CA VAL B 188 6.38 11.30 15.86
C VAL B 188 5.54 10.67 14.74
N ALA B 189 4.95 11.54 13.93
CA ALA B 189 4.25 11.15 12.72
C ALA B 189 4.89 12.01 11.62
N SER B 190 5.09 11.42 10.46
CA SER B 190 5.69 12.21 9.39
C SER B 190 5.42 11.59 8.05
N PHE B 191 5.33 12.43 7.04
CA PHE B 191 5.25 11.91 5.71
C PHE B 191 6.04 12.78 4.74
N GLU B 192 6.31 12.22 3.57
CA GLU B 192 6.88 12.98 2.48
C GLU B 192 6.44 12.37 1.15
N ALA B 193 6.39 13.22 0.14
CA ALA B 193 5.99 12.80 -1.20
C ALA B 193 6.85 13.50 -2.21
N THR B 194 7.11 12.82 -3.32
CA THR B 194 7.89 13.39 -4.39
C THR B 194 7.19 12.98 -5.66
N PHE B 195 7.04 13.89 -6.61
CA PHE B 195 6.64 13.44 -7.94
C PHE B 195 7.34 14.30 -8.98
N THR B 196 7.50 13.75 -10.18
CA THR B 196 8.06 14.51 -11.30
C THR B 196 6.95 14.68 -12.31
N PHE B 197 6.94 15.84 -12.97
CA PHE B 197 5.80 16.19 -13.79
C PHE B 197 6.24 16.92 -15.05
N LEU B 198 5.44 16.81 -16.11
CA LEU B 198 5.69 17.51 -17.36
C LEU B 198 4.40 18.23 -17.77
N ILE B 199 4.47 19.55 -17.78
CA ILE B 199 3.35 20.38 -18.14
C ILE B 199 3.65 21.13 -19.44
N LYS B 200 2.94 20.76 -20.50
CA LYS B 200 3.08 21.35 -21.83
C LYS B 200 1.82 22.10 -22.25
N SER B 201 2.00 23.31 -22.78
CA SER B 201 0.87 24.08 -23.28
C SER B 201 1.18 24.69 -24.66
N PRO B 202 0.27 24.51 -25.63
CA PRO B 202 0.39 25.18 -26.93
C PRO B 202 0.14 26.68 -26.78
N ASP B 203 -0.83 27.00 -25.94
CA ASP B 203 -1.25 28.37 -25.63
C ASP B 203 -0.14 29.26 -25.13
N SER B 204 -0.42 30.56 -25.16
CA SER B 204 0.33 31.54 -24.40
C SER B 204 0.33 31.12 -22.93
N HIS B 205 -0.83 30.65 -22.49
CA HIS B 205 -1.06 30.42 -21.06
C HIS B 205 -1.57 29.01 -20.76
N PRO B 206 -0.78 28.27 -19.97
CA PRO B 206 -1.23 27.00 -19.39
C PRO B 206 -2.32 27.19 -18.35
N ALA B 207 -3.10 26.14 -18.15
CA ALA B 207 -4.08 26.06 -17.07
C ALA B 207 -4.45 24.58 -16.92
N ASP B 208 -4.81 24.14 -15.73
CA ASP B 208 -4.95 24.96 -14.54
C ASP B 208 -3.95 24.60 -13.43
N GLY B 209 -3.34 23.42 -13.52
CA GLY B 209 -2.36 23.02 -12.54
C GLY B 209 -2.46 21.59 -12.03
N ILE B 210 -1.59 21.24 -11.10
CA ILE B 210 -1.50 19.88 -10.54
C ILE B 210 -1.42 20.01 -9.03
N ALA B 211 -2.04 19.08 -8.30
CA ALA B 211 -1.92 19.08 -6.86
C ALA B 211 -1.61 17.68 -6.32
N PHE B 212 -0.80 17.64 -5.27
CA PHE B 212 -0.72 16.48 -4.39
C PHE B 212 -1.71 16.72 -3.25
N PHE B 213 -2.58 15.76 -2.96
CA PHE B 213 -3.57 16.01 -1.93
C PHE B 213 -3.72 14.87 -0.94
N ILE B 214 -4.27 15.22 0.22
CA ILE B 214 -4.61 14.25 1.26
C ILE B 214 -6.09 14.46 1.59
N SER B 215 -6.84 13.37 1.66
CA SER B 215 -8.30 13.46 1.72
C SER B 215 -8.90 12.37 2.59
N ASN B 216 -10.16 12.55 2.97
CA ASN B 216 -10.95 11.43 3.49
C ASN B 216 -10.87 10.26 2.49
N ILE B 217 -10.93 9.04 3.01
CA ILE B 217 -10.64 7.86 2.19
C ILE B 217 -11.65 7.65 1.07
N ASP B 218 -12.88 8.08 1.26
CA ASP B 218 -13.89 7.93 0.22
C ASP B 218 -14.04 9.17 -0.67
N SER B 219 -13.00 10.00 -0.70
CA SER B 219 -13.01 11.22 -1.52
C SER B 219 -13.20 10.94 -3.01
N SER B 220 -14.04 11.76 -3.64
CA SER B 220 -14.31 11.68 -5.08
C SER B 220 -14.30 13.09 -5.67
N ILE B 221 -14.18 13.19 -6.99
CA ILE B 221 -14.17 14.49 -7.65
C ILE B 221 -15.48 15.23 -7.39
N PRO B 222 -15.39 16.43 -6.79
CA PRO B 222 -16.59 17.23 -6.50
C PRO B 222 -17.20 17.75 -7.78
N SER B 223 -18.53 17.78 -7.84
CA SER B 223 -19.24 18.42 -8.94
C SER B 223 -18.72 19.83 -9.12
N GLY B 224 -18.39 20.21 -10.35
CA GLY B 224 -17.99 21.57 -10.65
C GLY B 224 -16.57 21.95 -10.27
N SER B 225 -15.69 20.97 -10.12
CA SER B 225 -14.32 21.27 -9.71
C SER B 225 -13.33 21.32 -10.88
N THR B 226 -13.80 21.36 -12.11
CA THR B 226 -12.83 21.48 -13.21
C THR B 226 -12.35 22.94 -13.26
N GLY B 227 -11.21 23.17 -13.92
CA GLY B 227 -10.63 24.50 -13.97
C GLY B 227 -9.97 24.90 -12.65
N ARG B 228 -10.28 26.10 -12.20
CA ARG B 228 -9.56 26.71 -11.08
C ARG B 228 -9.64 25.96 -9.75
N LEU B 229 -10.61 25.07 -9.59
CA LEU B 229 -10.75 24.35 -8.33
C LEU B 229 -9.95 23.03 -8.33
N LEU B 230 -9.23 22.77 -9.42
CA LEU B 230 -8.22 21.70 -9.50
C LEU B 230 -8.72 20.28 -9.19
N GLY B 231 -10.03 20.06 -9.29
CA GLY B 231 -10.59 18.74 -9.06
C GLY B 231 -10.62 18.37 -7.58
N LEU B 232 -10.49 19.38 -6.73
CA LEU B 232 -10.33 19.21 -5.29
C LEU B 232 -11.46 19.80 -4.46
N PHE B 233 -12.05 20.89 -4.94
CA PHE B 233 -13.03 21.61 -4.15
C PHE B 233 -14.38 21.84 -4.86
N PRO B 234 -15.48 21.83 -4.09
CA PRO B 234 -16.83 22.06 -4.63
C PRO B 234 -17.08 23.54 -4.93
N ASP B 235 -16.41 24.42 -4.22
CA ASP B 235 -16.58 25.86 -4.44
C ASP B 235 -15.29 26.61 -4.17
N ALA B 236 -15.31 27.93 -4.26
CA ALA B 236 -14.12 28.71 -4.00
C ALA B 236 -14.13 29.41 -2.63
N ASN B 237 -14.88 28.87 -1.66
CA ASN B 237 -14.84 29.44 -0.31
C ASN B 237 -13.47 29.33 0.34
MN MN C . 1.31 -29.30 5.96
MN MN D . -1.68 -29.94 8.80
C1 M3N E . -10.31 -32.20 12.43
C2 M3N E . -10.42 -31.51 11.08
O2 M3N E . -11.01 -30.25 11.27
C3 M3N E . -9.08 -31.35 10.43
O3 M3N E . -9.21 -30.55 9.29
C4 M3N E . -8.05 -30.76 11.38
O4 M3N E . -6.77 -30.83 10.77
C5 M3N E . -7.97 -31.57 12.65
O5 M3N E . -9.22 -31.74 13.24
C6 M3N E . -7.10 -30.78 13.68
O6 M3N E . -7.87 -29.63 14.12
C01 M3N E . -10.09 -35.80 12.89
C02 M3N E . -9.56 -34.53 13.03
N03 M3N E . -10.42 -33.64 12.46
N04 M3N E . -11.49 -34.36 12.03
N05 M3N E . -11.27 -35.69 12.29
C03 M3N E . -9.44 -37.10 13.38
O01 M3N E . -8.79 -36.74 14.60
C1 EDO F . 6.13 -3.99 -6.82
O1 EDO F . 6.08 -5.42 -6.69
C2 EDO F . 5.00 -3.33 -6.03
O2 EDO F . 3.71 -3.69 -6.57
C1 M3N G . -12.15 29.21 -17.27
C2 M3N G . -12.62 28.41 -16.07
O2 M3N G . -12.73 27.05 -16.46
C3 M3N G . -11.69 28.56 -14.90
O3 M3N G . -12.07 27.76 -13.80
C4 M3N G . -10.25 28.31 -15.29
O4 M3N G . -9.47 28.67 -14.16
C5 M3N G . -9.90 29.20 -16.47
O5 M3N G . -10.77 28.99 -17.53
C6 M3N G . -8.48 28.84 -16.98
O6 M3N G . -8.55 27.51 -17.57
C01 M3N G . -12.57 32.76 -17.63
C02 M3N G . -12.45 31.49 -18.16
N03 M3N G . -12.31 30.62 -17.14
N04 M3N G . -12.31 31.34 -15.99
N05 M3N G . -12.46 32.66 -16.30
C03 M3N G . -12.73 34.06 -18.41
O01 M3N G . -11.41 34.34 -18.85
MN MN H . -3.82 29.15 -6.45
MN MN I . -5.48 29.10 -10.27
C1 EDO J . 0.88 4.32 7.44
O1 EDO J . -0.54 4.09 7.52
C2 EDO J . 1.46 5.00 8.68
O2 EDO J . 1.38 6.44 8.54
#